data_4M82
#
_entry.id   4M82
#
_cell.length_a   58.785
_cell.length_b   64.333
_cell.length_c   94.489
_cell.angle_alpha   90.00
_cell.angle_beta   90.00
_cell.angle_gamma   90.00
#
_symmetry.space_group_name_H-M   'P 21 21 21'
#
loop_
_entity.id
_entity.type
_entity.pdbx_description
1 polymer EXO-1,3-BETA-GLUCANASE
2 non-polymer '4-nitrophenyl 6-O-beta-D-glucopyranosyl-beta-D-glucopyranoside'
3 non-polymer beta-D-glucopyranose
4 non-polymer 1,2-ETHANEDIOL
5 water water
#
_entity_poly.entity_id   1
_entity_poly.type   'polypeptide(L)'
_entity_poly.pdbx_seq_one_letter_code
;GGHNVAWDYDNNVIRGVNLGGWFVLEPYMTPSLFEPFQNGNDQSGVPVDEYHWTQTLGKEAALRILQKHWSTWITEQDFK
QISNLGLNFVRIPIGYWAFQLLDNDPYVQGQVQYLEKALGWARKNNIRVWIDLHGAPGSQNGFDNSGLRDSYNFQNGDNT
QVTLNVLNTIFKKYGGNEYSDVVIGIELLNEPLGPVLNMDKLKQFFLDGYNSLRQTGSVTPVIIHDAFQVFGYWNNFLTV
AEGQWNVVVDHHHYQVFSGGELSRNINDHISVACNWGWDAKKESHWNVAGSWSAALTDCAKWLNGVNRGARYEGAYDNAP
YIGSCQPLLDISQWSDEHKTDTRRYIEAQLDAFEYTGGWVFWSWKTENAPEWSFQTLTYNGLFPQPVTDRQFPNQCGFH
;
_entity_poly.pdbx_strand_id   A
#
# COMPACT_ATOMS: atom_id res chain seq x y z
N TRP A 7 5.24 -19.46 -5.93
CA TRP A 7 4.66 -19.28 -4.60
C TRP A 7 3.46 -20.19 -4.40
N ASP A 8 3.38 -20.84 -3.23
CA ASP A 8 2.22 -21.66 -2.89
C ASP A 8 1.24 -20.86 -2.03
N TYR A 9 0.24 -20.27 -2.67
CA TYR A 9 -0.79 -19.50 -1.95
C TYR A 9 -1.66 -20.39 -1.07
N ASP A 10 -1.66 -21.70 -1.33
CA ASP A 10 -2.39 -22.64 -0.51
C ASP A 10 -1.69 -22.93 0.81
N ASN A 11 -0.36 -23.07 0.75
CA ASN A 11 0.40 -23.50 1.92
C ASN A 11 1.29 -22.41 2.52
N ASN A 12 1.90 -21.60 1.68
CA ASN A 12 2.82 -20.57 2.16
C ASN A 12 2.07 -19.36 2.67
N VAL A 13 2.65 -18.67 3.65
CA VAL A 13 2.08 -17.44 4.18
C VAL A 13 3.00 -16.27 3.81
N ILE A 14 2.42 -15.23 3.22
CA ILE A 14 3.20 -14.04 2.86
C ILE A 14 3.53 -13.24 4.12
N ARG A 15 4.81 -12.92 4.30
CA ARG A 15 5.28 -12.10 5.40
C ARG A 15 6.08 -11.00 4.76
N GLY A 16 5.45 -9.85 4.57
CA GLY A 16 6.05 -8.87 3.68
C GLY A 16 5.97 -7.42 4.12
N VAL A 17 6.65 -6.57 3.37
CA VAL A 17 6.53 -5.13 3.52
C VAL A 17 6.29 -4.47 2.18
N ASN A 18 5.56 -3.37 2.20
CA ASN A 18 5.45 -2.51 1.04
C ASN A 18 6.71 -1.71 0.91
N LEU A 19 7.11 -1.44 -0.33
CA LEU A 19 8.20 -0.50 -0.57
C LEU A 19 7.55 0.81 -0.94
N GLY A 20 6.79 1.34 0.02
CA GLY A 20 6.04 2.56 -0.23
C GLY A 20 6.92 3.80 -0.22
N GLY A 21 6.40 4.86 -0.82
CA GLY A 21 7.08 6.14 -0.85
C GLY A 21 8.26 6.18 -1.80
N TRP A 22 8.48 5.09 -2.53
CA TRP A 22 9.63 4.98 -3.42
C TRP A 22 9.29 5.54 -4.81
N PHE A 23 8.39 4.86 -5.51
CA PHE A 23 8.06 5.25 -6.88
C PHE A 23 6.83 6.15 -6.97
N VAL A 24 6.13 6.26 -5.85
CA VAL A 24 5.03 7.23 -5.73
C VAL A 24 5.27 7.99 -4.44
N LEU A 25 5.51 9.29 -4.54
CA LEU A 25 5.75 10.10 -3.36
C LEU A 25 4.53 10.19 -2.48
N GLU A 26 4.74 10.05 -1.18
CA GLU A 26 3.69 10.28 -0.20
C GLU A 26 4.24 11.23 0.83
N PRO A 27 3.66 12.43 0.91
CA PRO A 27 4.18 13.49 1.77
C PRO A 27 4.43 13.03 3.20
N TYR A 28 3.57 12.17 3.75
CA TYR A 28 3.79 11.76 5.14
C TYR A 28 4.97 10.81 5.29
N MET A 29 5.37 10.16 4.21
CA MET A 29 6.47 9.20 4.28
C MET A 29 7.81 9.87 4.04
N THR A 30 7.83 10.83 3.13
CA THR A 30 9.04 11.63 2.88
C THR A 30 8.73 13.13 2.98
N PRO A 31 8.38 13.59 4.19
CA PRO A 31 8.02 15.01 4.31
C PRO A 31 9.17 15.94 3.93
N SER A 32 10.41 15.49 4.04
CA SER A 32 11.55 16.34 3.69
C SER A 32 11.51 16.83 2.25
N LEU A 33 10.83 16.11 1.36
CA LEU A 33 10.72 16.54 -0.03
C LEU A 33 9.65 17.60 -0.21
N PHE A 34 8.79 17.78 0.79
CA PHE A 34 7.64 18.68 0.67
C PHE A 34 7.78 19.90 1.57
N GLU A 35 8.40 19.71 2.73
CA GLU A 35 8.67 20.80 3.67
C GLU A 35 9.38 22.05 3.10
N PRO A 36 10.30 21.90 2.13
CA PRO A 36 10.95 23.12 1.63
C PRO A 36 10.00 24.13 1.01
N PHE A 37 8.82 23.67 0.58
CA PHE A 37 7.84 24.56 -0.04
C PHE A 37 7.03 25.34 0.99
N GLN A 38 7.26 25.07 2.27
CA GLN A 38 6.53 25.76 3.32
C GLN A 38 7.05 27.19 3.50
N ASN A 39 6.14 28.09 3.85
CA ASN A 39 6.47 29.44 4.25
C ASN A 39 6.24 29.57 5.76
N GLY A 40 7.28 29.29 6.54
CA GLY A 40 7.13 29.22 7.97
C GLY A 40 6.14 28.14 8.36
N ASN A 41 5.06 28.53 9.01
CA ASN A 41 4.04 27.60 9.46
C ASN A 41 2.86 27.49 8.50
N ASP A 42 2.90 28.29 7.43
CA ASP A 42 1.86 28.28 6.41
C ASP A 42 2.12 27.17 5.39
N GLN A 43 1.21 26.21 5.29
CA GLN A 43 1.39 25.06 4.41
C GLN A 43 0.61 25.19 3.12
N SER A 44 -0.01 26.34 2.91
CA SER A 44 -0.86 26.55 1.74
C SER A 44 -0.10 26.45 0.41
N GLY A 45 1.22 26.60 0.46
CA GLY A 45 2.02 26.55 -0.76
C GLY A 45 2.73 25.23 -1.03
N VAL A 46 2.51 24.25 -0.16
CA VAL A 46 3.15 22.94 -0.32
C VAL A 46 2.39 22.10 -1.34
N PRO A 47 3.08 21.57 -2.35
CA PRO A 47 2.42 20.72 -3.34
C PRO A 47 1.80 19.52 -2.62
N VAL A 48 0.58 19.15 -3.00
CA VAL A 48 -0.18 18.15 -2.23
C VAL A 48 0.07 16.70 -2.68
N ASP A 49 0.74 16.54 -3.81
CA ASP A 49 0.95 15.20 -4.36
C ASP A 49 2.09 15.23 -5.38
N GLU A 50 2.40 14.06 -5.94
CA GLU A 50 3.51 13.98 -6.86
C GLU A 50 3.22 14.75 -8.14
N TYR A 51 1.96 14.76 -8.57
CA TYR A 51 1.59 15.55 -9.74
C TYR A 51 2.04 16.99 -9.55
N HIS A 52 1.61 17.59 -8.46
CA HIS A 52 1.86 19.02 -8.24
C HIS A 52 3.30 19.28 -7.84
N TRP A 53 3.92 18.32 -7.16
CA TRP A 53 5.31 18.43 -6.77
C TRP A 53 6.20 18.48 -8.01
N THR A 54 6.02 17.53 -8.93
CA THR A 54 6.78 17.55 -10.18
C THR A 54 6.45 18.79 -11.02
N GLN A 55 5.19 19.20 -11.01
CA GLN A 55 4.75 20.36 -11.78
C GLN A 55 5.42 21.64 -11.27
N THR A 56 5.40 21.82 -9.96
CA THR A 56 6.00 23.01 -9.33
C THR A 56 7.50 23.07 -9.56
N LEU A 57 8.14 21.90 -9.48
CA LEU A 57 9.59 21.84 -9.63
C LEU A 57 10.03 21.99 -11.09
N GLY A 58 9.20 21.53 -12.01
CA GLY A 58 9.59 21.47 -13.41
C GLY A 58 10.36 20.19 -13.67
N LYS A 59 10.48 19.80 -14.94
CA LYS A 59 11.05 18.50 -15.28
C LYS A 59 12.48 18.29 -14.81
N GLU A 60 13.34 19.29 -15.00
CA GLU A 60 14.75 19.15 -14.66
C GLU A 60 14.98 18.94 -13.17
N ALA A 61 14.43 19.84 -12.34
CA ALA A 61 14.60 19.72 -10.89
C ALA A 61 13.93 18.46 -10.36
N ALA A 62 12.72 18.19 -10.83
CA ALA A 62 11.99 17.00 -10.37
C ALA A 62 12.80 15.73 -10.62
N LEU A 63 13.40 15.62 -11.79
CA LEU A 63 14.20 14.44 -12.11
C LEU A 63 15.47 14.35 -11.26
N ARG A 64 16.14 15.48 -11.05
CA ARG A 64 17.34 15.51 -10.21
C ARG A 64 17.02 15.01 -8.82
N ILE A 65 15.96 15.56 -8.23
CA ILE A 65 15.60 15.22 -6.86
C ILE A 65 15.08 13.79 -6.77
N LEU A 66 14.28 13.37 -7.75
CA LEU A 66 13.78 12.00 -7.74
C LEU A 66 14.86 10.95 -8.02
N GLN A 67 15.84 11.26 -8.86
CA GLN A 67 16.94 10.32 -9.07
C GLN A 67 17.71 10.07 -7.78
N LYS A 68 17.90 11.12 -6.99
CA LYS A 68 18.58 10.98 -5.71
C LYS A 68 17.71 10.15 -4.78
N HIS A 69 16.41 10.43 -4.79
CA HIS A 69 15.46 9.69 -3.97
C HIS A 69 15.40 8.20 -4.37
N TRP A 70 15.20 7.92 -5.65
CA TRP A 70 15.06 6.55 -6.13
C TRP A 70 16.31 5.75 -5.83
N SER A 71 17.48 6.38 -5.93
CA SER A 71 18.73 5.65 -5.82
C SER A 71 19.17 5.42 -4.38
N THR A 72 18.47 6.03 -3.42
CA THR A 72 18.84 5.92 -2.02
C THR A 72 17.73 5.42 -1.10
N TRP A 73 16.47 5.59 -1.50
CA TRP A 73 15.36 5.28 -0.60
C TRP A 73 15.27 3.78 -0.30
N ILE A 74 15.39 2.98 -1.35
CA ILE A 74 15.46 1.53 -1.22
C ILE A 74 16.67 1.08 -2.03
N THR A 75 17.54 0.29 -1.42
CA THR A 75 18.70 -0.27 -2.10
C THR A 75 18.77 -1.78 -1.86
N GLU A 76 19.78 -2.46 -2.40
CA GLU A 76 19.94 -3.88 -2.19
CA GLU A 76 19.94 -3.89 -2.19
C GLU A 76 20.04 -4.23 -0.71
N GLN A 77 20.64 -3.33 0.07
CA GLN A 77 20.81 -3.57 1.50
C GLN A 77 19.46 -3.66 2.21
N ASP A 78 18.50 -2.88 1.73
CA ASP A 78 17.14 -3.00 2.27
C ASP A 78 16.59 -4.40 2.05
N PHE A 79 16.78 -4.93 0.83
CA PHE A 79 16.35 -6.29 0.54
C PHE A 79 17.07 -7.31 1.39
N LYS A 80 18.36 -7.08 1.65
CA LYS A 80 19.08 -7.99 2.55
C LYS A 80 18.50 -7.94 3.96
N GLN A 81 18.24 -6.73 4.47
CA GLN A 81 17.68 -6.58 5.79
C GLN A 81 16.27 -7.14 5.86
N ILE A 82 15.50 -6.94 4.80
CA ILE A 82 14.16 -7.52 4.72
C ILE A 82 14.23 -9.04 4.90
N SER A 83 15.10 -9.69 4.12
CA SER A 83 15.34 -11.13 4.24
C SER A 83 15.84 -11.54 5.62
N ASN A 84 16.81 -10.79 6.15
CA ASN A 84 17.36 -11.07 7.48
C ASN A 84 16.31 -11.09 8.58
N LEU A 85 15.30 -10.23 8.43
CA LEU A 85 14.25 -10.10 9.43
C LEU A 85 13.16 -11.17 9.29
N GLY A 86 13.31 -12.07 8.33
CA GLY A 86 12.38 -13.18 8.20
C GLY A 86 11.22 -12.89 7.27
N LEU A 87 11.33 -11.81 6.50
CA LEU A 87 10.29 -11.49 5.51
C LEU A 87 10.59 -12.22 4.21
N ASN A 88 9.55 -12.56 3.47
CA ASN A 88 9.70 -13.33 2.24
C ASN A 88 9.11 -12.65 1.02
N PHE A 89 8.70 -11.39 1.18
CA PHE A 89 7.89 -10.74 0.18
C PHE A 89 7.95 -9.23 0.25
N VAL A 90 7.87 -8.58 -0.91
CA VAL A 90 7.66 -7.13 -0.96
C VAL A 90 6.57 -6.81 -1.97
N ARG A 91 5.78 -5.79 -1.65
CA ARG A 91 4.82 -5.23 -2.59
C ARG A 91 5.42 -3.93 -3.08
N ILE A 92 5.45 -3.74 -4.40
CA ILE A 92 6.15 -2.58 -4.97
C ILE A 92 5.16 -1.67 -5.70
N PRO A 93 4.74 -0.59 -5.04
CA PRO A 93 3.86 0.37 -5.71
C PRO A 93 4.57 1.12 -6.84
N ILE A 94 3.87 1.34 -7.93
CA ILE A 94 4.43 2.15 -9.00
C ILE A 94 3.27 2.89 -9.69
N GLY A 95 3.51 4.12 -10.15
CA GLY A 95 2.46 4.91 -10.78
C GLY A 95 2.39 4.66 -12.28
N TYR A 96 1.25 4.93 -12.91
CA TYR A 96 1.13 4.68 -14.34
C TYR A 96 2.19 5.48 -15.11
N TRP A 97 2.55 6.62 -14.54
CA TRP A 97 3.44 7.55 -15.22
C TRP A 97 4.86 7.02 -15.41
N ALA A 98 5.20 5.95 -14.69
CA ALA A 98 6.50 5.33 -14.91
C ALA A 98 6.55 4.69 -16.29
N PHE A 99 5.37 4.42 -16.84
CA PHE A 99 5.27 3.74 -18.13
C PHE A 99 4.73 4.61 -19.23
N GLN A 100 3.80 5.49 -18.86
CA GLN A 100 3.09 6.26 -19.86
CA GLN A 100 3.05 6.26 -19.84
C GLN A 100 2.64 7.59 -19.26
N LEU A 101 2.85 8.67 -20.00
CA LEU A 101 2.39 9.98 -19.54
C LEU A 101 1.15 10.39 -20.34
N LEU A 102 0.20 11.03 -19.67
CA LEU A 102 -0.89 11.70 -20.37
C LEU A 102 -0.28 12.93 -21.01
N ASP A 103 -0.94 13.46 -22.03
CA ASP A 103 -0.52 14.75 -22.56
C ASP A 103 -0.54 15.76 -21.40
N ASN A 104 0.50 16.57 -21.31
CA ASN A 104 0.61 17.60 -20.27
C ASN A 104 0.89 17.08 -18.87
N ASP A 105 1.12 15.78 -18.71
CA ASP A 105 1.55 15.28 -17.40
C ASP A 105 2.89 15.87 -17.01
N PRO A 106 3.00 16.34 -15.76
CA PRO A 106 4.24 16.91 -15.22
C PRO A 106 5.18 15.84 -14.70
N TYR A 107 4.68 14.62 -14.54
CA TYR A 107 5.48 13.53 -14.02
C TYR A 107 6.77 13.31 -14.80
N VAL A 108 7.81 12.91 -14.07
CA VAL A 108 9.04 12.46 -14.70
C VAL A 108 9.16 10.94 -14.57
N GLN A 109 9.92 10.36 -15.49
CA GLN A 109 10.05 8.91 -15.56
C GLN A 109 11.46 8.50 -15.18
N GLY A 110 11.69 7.20 -15.14
CA GLY A 110 12.96 6.65 -14.71
C GLY A 110 12.79 5.62 -13.61
N GLN A 111 11.55 5.43 -13.16
CA GLN A 111 11.28 4.47 -12.08
C GLN A 111 11.57 3.05 -12.53
N VAL A 112 11.31 2.78 -13.81
CA VAL A 112 11.43 1.42 -14.35
C VAL A 112 12.83 0.84 -14.14
N GLN A 113 13.86 1.67 -14.29
CA GLN A 113 15.23 1.21 -14.03
C GLN A 113 15.36 0.67 -12.62
N TYR A 114 14.73 1.36 -11.67
CA TYR A 114 14.88 0.95 -10.28
C TYR A 114 13.97 -0.21 -9.93
N LEU A 115 12.80 -0.26 -10.56
CA LEU A 115 11.93 -1.42 -10.40
C LEU A 115 12.70 -2.67 -10.83
N GLU A 116 13.41 -2.57 -11.92
CA GLU A 116 14.11 -3.75 -12.41
C GLU A 116 15.33 -4.11 -11.56
N LYS A 117 16.02 -3.10 -11.02
CA LYS A 117 17.05 -3.38 -10.01
C LYS A 117 16.41 -4.10 -8.83
N ALA A 118 15.23 -3.63 -8.42
CA ALA A 118 14.51 -4.21 -7.29
C ALA A 118 14.17 -5.68 -7.52
N LEU A 119 13.74 -6.01 -8.73
CA LEU A 119 13.39 -7.38 -9.05
C LEU A 119 14.64 -8.26 -8.96
N GLY A 120 15.78 -7.72 -9.36
CA GLY A 120 17.04 -8.44 -9.25
C GLY A 120 17.47 -8.62 -7.80
N TRP A 121 17.28 -7.59 -6.98
CA TRP A 121 17.62 -7.68 -5.56
C TRP A 121 16.69 -8.66 -4.84
N ALA A 122 15.42 -8.67 -5.25
CA ALA A 122 14.48 -9.64 -4.70
C ALA A 122 14.94 -11.06 -5.03
N ARG A 123 15.27 -11.30 -6.28
CA ARG A 123 15.76 -12.62 -6.71
C ARG A 123 16.96 -13.05 -5.89
N LYS A 124 17.92 -12.13 -5.76
CA LYS A 124 19.17 -12.40 -5.05
C LYS A 124 18.94 -12.76 -3.58
N ASN A 125 17.84 -12.26 -3.01
CA ASN A 125 17.55 -12.47 -1.59
C ASN A 125 16.37 -13.39 -1.29
N ASN A 126 15.95 -14.14 -2.30
CA ASN A 126 14.84 -15.09 -2.20
C ASN A 126 13.56 -14.41 -1.71
N ILE A 127 13.29 -13.24 -2.26
CA ILE A 127 12.10 -12.48 -1.89
C ILE A 127 11.17 -12.43 -3.10
N ARG A 128 9.88 -12.71 -2.86
CA ARG A 128 8.89 -12.68 -3.94
C ARG A 128 8.22 -11.30 -3.95
N VAL A 129 7.54 -10.99 -5.04
CA VAL A 129 7.13 -9.62 -5.33
C VAL A 129 5.73 -9.52 -5.93
N TRP A 130 4.95 -8.52 -5.51
CA TRP A 130 3.85 -8.06 -6.33
C TRP A 130 4.27 -6.74 -6.96
N ILE A 131 3.99 -6.58 -8.24
CA ILE A 131 4.07 -5.26 -8.85
C ILE A 131 2.66 -4.67 -8.75
N ASP A 132 2.55 -3.50 -8.14
CA ASP A 132 1.25 -2.91 -7.83
C ASP A 132 1.10 -1.59 -8.58
N LEU A 133 0.16 -1.55 -9.51
CA LEU A 133 -0.14 -0.30 -10.19
C LEU A 133 -0.93 0.56 -9.22
N HIS A 134 -0.25 1.53 -8.63
CA HIS A 134 -0.73 2.23 -7.44
C HIS A 134 -1.46 3.52 -7.78
N GLY A 135 -1.27 4.00 -9.00
CA GLY A 135 -1.92 5.23 -9.42
C GLY A 135 -2.29 5.12 -10.88
N ALA A 136 -3.53 5.48 -11.18
CA ALA A 136 -4.06 5.41 -12.54
C ALA A 136 -4.34 6.82 -13.01
N PRO A 137 -4.28 7.04 -14.33
CA PRO A 137 -4.57 8.40 -14.82
C PRO A 137 -5.95 8.89 -14.39
N GLY A 138 -6.02 10.16 -13.99
CA GLY A 138 -7.26 10.76 -13.52
C GLY A 138 -7.52 10.50 -12.05
N SER A 139 -6.76 9.55 -11.50
CA SER A 139 -6.90 9.02 -10.13
C SER A 139 -8.11 8.12 -9.91
N GLN A 140 -7.83 6.96 -9.34
CA GLN A 140 -8.88 6.02 -8.97
C GLN A 140 -9.43 6.23 -7.55
N ASN A 141 -8.89 7.17 -6.78
CA ASN A 141 -9.34 7.31 -5.40
C ASN A 141 -9.25 8.69 -4.77
N GLY A 142 -8.60 9.63 -5.43
CA GLY A 142 -8.42 10.97 -4.87
C GLY A 142 -7.47 11.02 -3.69
N PHE A 143 -6.75 9.94 -3.41
CA PHE A 143 -5.76 9.95 -2.33
C PHE A 143 -4.47 10.54 -2.89
N ASP A 144 -3.68 11.19 -2.04
CA ASP A 144 -2.43 11.73 -2.57
C ASP A 144 -1.51 10.60 -3.08
N ASN A 145 -1.66 9.42 -2.51
CA ASN A 145 -0.82 8.30 -2.92
C ASN A 145 -1.21 7.70 -4.27
N SER A 146 -2.24 8.22 -4.92
CA SER A 146 -2.51 7.83 -6.30
C SER A 146 -1.69 8.67 -7.25
N GLY A 147 -1.09 9.75 -6.72
CA GLY A 147 -0.37 10.72 -7.51
C GLY A 147 -1.16 12.02 -7.62
N LEU A 148 -2.47 11.91 -7.55
CA LEU A 148 -3.34 13.05 -7.83
C LEU A 148 -4.47 13.13 -6.82
N ARG A 149 -4.27 13.98 -5.82
CA ARG A 149 -5.22 14.10 -4.73
C ARG A 149 -6.51 14.81 -5.17
N ASP A 150 -7.63 14.35 -4.63
CA ASP A 150 -8.91 15.06 -4.71
C ASP A 150 -9.53 15.07 -6.10
N SER A 151 -9.08 14.12 -6.92
CA SER A 151 -9.63 13.89 -8.26
CA SER A 151 -9.64 13.90 -8.26
C SER A 151 -10.07 12.45 -8.33
N TYR A 152 -11.15 12.18 -9.05
CA TYR A 152 -11.73 10.83 -9.09
C TYR A 152 -12.13 10.45 -10.51
N ASN A 153 -11.19 10.57 -11.44
CA ASN A 153 -11.53 10.50 -12.87
C ASN A 153 -11.01 9.31 -13.65
N PHE A 154 -10.60 8.26 -12.93
CA PHE A 154 -10.19 7.01 -13.53
C PHE A 154 -11.19 6.43 -14.54
N GLN A 155 -12.49 6.60 -14.30
CA GLN A 155 -13.51 6.04 -15.19
C GLN A 155 -14.05 7.06 -16.18
N ASN A 156 -13.41 8.22 -16.22
CA ASN A 156 -13.83 9.22 -17.18
CA ASN A 156 -13.78 9.31 -17.13
C ASN A 156 -12.91 9.30 -18.38
N GLY A 157 -13.47 9.71 -19.51
CA GLY A 157 -12.70 9.83 -20.73
C GLY A 157 -12.01 8.55 -21.11
N ASP A 158 -10.73 8.65 -21.47
CA ASP A 158 -9.95 7.49 -21.88
C ASP A 158 -9.09 6.94 -20.75
N ASN A 159 -9.33 7.37 -19.52
CA ASN A 159 -8.42 6.99 -18.43
C ASN A 159 -8.38 5.50 -18.11
N THR A 160 -9.52 4.83 -18.21
CA THR A 160 -9.54 3.39 -17.97
C THR A 160 -8.76 2.66 -19.06
N GLN A 161 -8.96 3.06 -20.32
CA GLN A 161 -8.20 2.44 -21.41
C GLN A 161 -6.70 2.66 -21.28
N VAL A 162 -6.31 3.88 -20.90
CA VAL A 162 -4.88 4.17 -20.69
C VAL A 162 -4.34 3.29 -19.57
N THR A 163 -5.15 3.08 -18.53
CA THR A 163 -4.75 2.22 -17.42
C THR A 163 -4.55 0.78 -17.92
N LEU A 164 -5.47 0.30 -18.75
CA LEU A 164 -5.32 -1.03 -19.33
C LEU A 164 -4.09 -1.14 -20.24
N ASN A 165 -3.77 -0.07 -20.98
CA ASN A 165 -2.59 -0.08 -21.83
C ASN A 165 -1.33 -0.16 -20.99
N VAL A 166 -1.30 0.59 -19.88
CA VAL A 166 -0.18 0.55 -18.97
C VAL A 166 -0.07 -0.85 -18.37
N LEU A 167 -1.21 -1.44 -18.01
CA LEU A 167 -1.18 -2.81 -17.50
C LEU A 167 -0.63 -3.79 -18.53
N ASN A 168 -1.00 -3.64 -19.80
CA ASN A 168 -0.48 -4.53 -20.84
CA ASN A 168 -0.48 -4.55 -20.81
C ASN A 168 1.03 -4.45 -20.93
N THR A 169 1.56 -3.24 -20.76
CA THR A 169 3.00 -3.04 -20.72
C THR A 169 3.61 -3.81 -19.55
N ILE A 170 3.02 -3.65 -18.36
CA ILE A 170 3.48 -4.33 -17.16
C ILE A 170 3.37 -5.85 -17.36
N PHE A 171 2.29 -6.28 -17.98
CA PHE A 171 2.07 -7.72 -18.21
C PHE A 171 3.19 -8.30 -19.06
N LYS A 172 3.55 -7.59 -20.13
CA LYS A 172 4.53 -8.10 -21.07
C LYS A 172 5.93 -8.07 -20.48
N LYS A 173 6.24 -7.03 -19.71
CA LYS A 173 7.57 -6.92 -19.14
C LYS A 173 7.76 -7.84 -17.95
N TYR A 174 6.74 -7.98 -17.12
CA TYR A 174 6.93 -8.58 -15.81
C TYR A 174 6.08 -9.80 -15.51
N GLY A 175 5.19 -10.16 -16.44
CA GLY A 175 4.30 -11.28 -16.21
C GLY A 175 4.75 -12.51 -16.97
N GLY A 176 5.91 -12.43 -17.60
CA GLY A 176 6.39 -13.50 -18.43
C GLY A 176 7.46 -14.36 -17.78
N ASN A 177 8.15 -15.13 -18.59
CA ASN A 177 9.11 -16.08 -18.06
C ASN A 177 10.28 -15.43 -17.35
N GLU A 178 10.65 -14.22 -17.75
CA GLU A 178 11.85 -13.59 -17.19
C GLU A 178 11.79 -13.45 -15.68
N TYR A 179 10.61 -13.12 -15.15
CA TYR A 179 10.51 -12.93 -13.71
C TYR A 179 9.61 -13.93 -13.02
N SER A 180 9.40 -15.09 -13.66
CA SER A 180 8.53 -16.13 -13.13
C SER A 180 8.97 -16.65 -11.77
N ASP A 181 10.25 -16.43 -11.43
CA ASP A 181 10.79 -16.88 -10.15
C ASP A 181 10.70 -15.81 -9.05
N VAL A 182 10.23 -14.62 -9.40
CA VAL A 182 10.24 -13.49 -8.48
C VAL A 182 8.85 -12.90 -8.31
N VAL A 183 8.21 -12.59 -9.43
CA VAL A 183 6.91 -11.94 -9.42
C VAL A 183 5.81 -12.97 -9.17
N ILE A 184 5.12 -12.82 -8.05
CA ILE A 184 4.05 -13.73 -7.70
C ILE A 184 2.70 -13.02 -7.70
N GLY A 185 2.68 -11.82 -8.27
CA GLY A 185 1.40 -11.16 -8.49
C GLY A 185 1.55 -9.85 -9.21
N ILE A 186 0.61 -9.55 -10.09
CA ILE A 186 0.50 -8.20 -10.62
C ILE A 186 -0.83 -7.66 -10.17
N GLU A 187 -0.80 -6.55 -9.43
CA GLU A 187 -2.01 -5.97 -8.87
C GLU A 187 -2.55 -4.90 -9.81
N LEU A 188 -3.76 -5.11 -10.29
CA LEU A 188 -4.27 -4.33 -11.41
C LEU A 188 -4.41 -2.87 -11.05
N LEU A 189 -4.82 -2.60 -9.83
CA LEU A 189 -5.05 -1.23 -9.41
C LEU A 189 -5.18 -1.15 -7.90
N ASN A 190 -4.33 -0.35 -7.28
CA ASN A 190 -4.42 -0.11 -5.84
C ASN A 190 -5.65 0.70 -5.48
N GLU A 191 -6.43 0.20 -4.51
CA GLU A 191 -7.45 1.02 -3.87
C GLU A 191 -8.36 1.87 -4.77
N PRO A 192 -9.00 1.25 -5.77
CA PRO A 192 -10.06 2.02 -6.44
C PRO A 192 -11.13 2.32 -5.40
N LEU A 193 -11.59 3.57 -5.35
CA LEU A 193 -12.49 3.98 -4.29
C LEU A 193 -13.91 3.58 -4.68
N GLY A 194 -14.22 2.32 -4.44
CA GLY A 194 -15.52 1.74 -4.80
C GLY A 194 -16.74 2.63 -4.59
N PRO A 195 -16.87 3.24 -3.41
CA PRO A 195 -18.07 4.03 -3.12
C PRO A 195 -18.35 5.18 -4.08
N VAL A 196 -17.34 5.69 -4.81
CA VAL A 196 -17.56 6.80 -5.73
C VAL A 196 -17.48 6.38 -7.18
N LEU A 197 -17.18 5.11 -7.41
CA LEU A 197 -17.03 4.59 -8.77
C LEU A 197 -18.25 3.79 -9.21
N ASN A 198 -18.30 3.53 -10.52
CA ASN A 198 -19.28 2.60 -11.06
C ASN A 198 -18.67 1.20 -10.93
N MET A 199 -19.22 0.41 -10.02
CA MET A 199 -18.65 -0.90 -9.72
C MET A 199 -18.77 -1.87 -10.88
N ASP A 200 -19.80 -1.71 -11.70
CA ASP A 200 -19.92 -2.58 -12.87
C ASP A 200 -18.74 -2.33 -13.82
N LYS A 201 -18.38 -1.06 -14.01
CA LYS A 201 -17.28 -0.72 -14.88
C LYS A 201 -15.95 -1.12 -14.26
N LEU A 202 -15.85 -1.05 -12.93
CA LEU A 202 -14.64 -1.47 -12.27
C LEU A 202 -14.45 -2.96 -12.45
N LYS A 203 -15.55 -3.71 -12.30
CA LYS A 203 -15.47 -5.16 -12.53
C LYS A 203 -15.05 -5.47 -13.98
N GLN A 204 -15.60 -4.74 -14.95
CA GLN A 204 -15.21 -4.97 -16.33
C GLN A 204 -13.73 -4.68 -16.53
N PHE A 205 -13.23 -3.63 -15.87
CA PHE A 205 -11.82 -3.28 -15.94
C PHE A 205 -10.96 -4.41 -15.36
N PHE A 206 -11.37 -4.95 -14.22
CA PHE A 206 -10.64 -6.07 -13.63
C PHE A 206 -10.65 -7.29 -14.56
N LEU A 207 -11.81 -7.55 -15.17
CA LEU A 207 -11.94 -8.69 -16.07
CA LEU A 207 -11.98 -8.66 -16.10
C LEU A 207 -11.06 -8.50 -17.29
N ASP A 208 -11.05 -7.28 -17.83
CA ASP A 208 -10.23 -6.97 -19.01
C ASP A 208 -8.76 -7.17 -18.69
N GLY A 209 -8.34 -6.69 -17.51
CA GLY A 209 -6.97 -6.85 -17.06
C GLY A 209 -6.62 -8.32 -16.90
N TYR A 210 -7.47 -9.06 -16.21
CA TYR A 210 -7.26 -10.50 -16.00
C TYR A 210 -7.09 -11.18 -17.36
N ASN A 211 -8.03 -10.93 -18.26
CA ASN A 211 -7.99 -11.61 -19.56
C ASN A 211 -6.78 -11.22 -20.37
N SER A 212 -6.44 -9.93 -20.37
CA SER A 212 -5.27 -9.44 -21.09
CA SER A 212 -5.28 -9.45 -21.10
C SER A 212 -4.01 -10.13 -20.60
N LEU A 213 -3.86 -10.26 -19.29
CA LEU A 213 -2.66 -10.89 -18.75
C LEU A 213 -2.57 -12.35 -19.18
N ARG A 214 -3.66 -13.09 -19.05
CA ARG A 214 -3.63 -14.51 -19.39
C ARG A 214 -3.39 -14.69 -20.88
N GLN A 215 -3.89 -13.75 -21.68
CA GLN A 215 -3.78 -13.82 -23.13
C GLN A 215 -2.33 -13.72 -23.59
N THR A 216 -1.48 -13.10 -22.77
CA THR A 216 -0.05 -13.04 -23.07
C THR A 216 0.67 -14.35 -22.80
N GLY A 217 -0.04 -15.34 -22.29
CA GLY A 217 0.59 -16.59 -21.91
C GLY A 217 1.04 -16.59 -20.45
N SER A 218 0.77 -15.50 -19.74
CA SER A 218 1.20 -15.38 -18.36
C SER A 218 0.38 -16.21 -17.40
N VAL A 219 1.06 -16.83 -16.44
CA VAL A 219 0.37 -17.59 -15.40
C VAL A 219 0.52 -16.87 -14.07
N THR A 220 1.00 -15.63 -14.12
CA THR A 220 1.17 -14.82 -12.92
C THR A 220 -0.17 -14.61 -12.22
N PRO A 221 -0.18 -14.73 -10.88
CA PRO A 221 -1.43 -14.43 -10.17
C PRO A 221 -1.88 -12.99 -10.42
N VAL A 222 -3.18 -12.83 -10.59
CA VAL A 222 -3.77 -11.51 -10.74
C VAL A 222 -4.26 -11.10 -9.37
N ILE A 223 -3.80 -9.93 -8.91
CA ILE A 223 -4.18 -9.43 -7.60
C ILE A 223 -5.21 -8.34 -7.79
N ILE A 224 -6.40 -8.53 -7.21
CA ILE A 224 -7.39 -7.48 -7.27
C ILE A 224 -7.62 -6.89 -5.88
N HIS A 225 -7.47 -5.58 -5.80
CA HIS A 225 -7.79 -4.91 -4.55
C HIS A 225 -9.30 -4.91 -4.32
N ASP A 226 -9.71 -4.96 -3.05
CA ASP A 226 -11.13 -5.17 -2.74
C ASP A 226 -12.05 -3.95 -2.95
N ALA A 227 -11.45 -2.82 -3.35
CA ALA A 227 -12.18 -1.59 -3.69
C ALA A 227 -13.03 -1.10 -2.52
N PHE A 228 -12.60 -1.45 -1.31
CA PHE A 228 -13.28 -1.06 -0.09
C PHE A 228 -14.67 -1.67 0.07
N GLN A 229 -14.88 -2.80 -0.58
CA GLN A 229 -16.14 -3.52 -0.46
C GLN A 229 -16.19 -4.40 0.78
N VAL A 230 -17.38 -4.84 1.14
CA VAL A 230 -17.54 -5.70 2.30
C VAL A 230 -16.81 -7.03 2.08
N PHE A 231 -16.39 -7.68 3.15
CA PHE A 231 -15.83 -9.03 3.02
C PHE A 231 -16.81 -9.92 2.24
N GLY A 232 -16.27 -10.76 1.36
CA GLY A 232 -17.10 -11.67 0.59
C GLY A 232 -17.64 -11.09 -0.71
N TYR A 233 -17.54 -9.78 -0.89
CA TYR A 233 -18.10 -9.13 -2.08
C TYR A 233 -17.60 -9.75 -3.36
N TRP A 234 -16.31 -10.09 -3.39
CA TRP A 234 -15.68 -10.60 -4.59
C TRP A 234 -15.74 -12.12 -4.73
N ASN A 235 -16.48 -12.78 -3.85
CA ASN A 235 -16.49 -14.25 -3.86
C ASN A 235 -16.93 -14.84 -5.19
N ASN A 236 -17.86 -14.18 -5.86
CA ASN A 236 -18.39 -14.73 -7.10
C ASN A 236 -17.84 -14.05 -8.36
N PHE A 237 -16.72 -13.35 -8.21
CA PHE A 237 -16.10 -12.66 -9.34
C PHE A 237 -14.73 -13.27 -9.63
N LEU A 238 -14.42 -13.47 -10.92
CA LEU A 238 -13.14 -14.07 -11.31
C LEU A 238 -12.95 -15.41 -10.61
N THR A 239 -13.87 -16.33 -10.88
CA THR A 239 -13.90 -17.59 -10.17
C THR A 239 -13.49 -18.75 -11.07
N VAL A 240 -13.06 -19.83 -10.44
CA VAL A 240 -12.70 -21.02 -11.17
C VAL A 240 -13.92 -21.58 -11.89
N ALA A 241 -15.10 -21.32 -11.38
CA ALA A 241 -16.34 -21.72 -12.06
C ALA A 241 -16.43 -21.15 -13.48
N GLU A 242 -15.75 -20.03 -13.70
CA GLU A 242 -15.72 -19.36 -14.98
CA GLU A 242 -15.73 -19.40 -15.00
C GLU A 242 -14.35 -19.50 -15.64
N GLY A 243 -13.54 -20.44 -15.13
CA GLY A 243 -12.22 -20.70 -15.69
C GLY A 243 -11.25 -19.57 -15.42
N GLN A 244 -11.52 -18.80 -14.38
CA GLN A 244 -10.69 -17.67 -14.03
C GLN A 244 -9.93 -18.03 -12.77
N TRP A 245 -8.62 -18.16 -12.89
CA TRP A 245 -7.81 -18.83 -11.88
C TRP A 245 -6.55 -18.04 -11.57
N ASN A 246 -5.90 -18.40 -10.46
CA ASN A 246 -4.74 -17.67 -9.93
C ASN A 246 -5.11 -16.22 -9.67
N VAL A 247 -6.16 -16.05 -8.86
CA VAL A 247 -6.67 -14.73 -8.51
C VAL A 247 -6.64 -14.59 -6.99
N VAL A 248 -6.05 -13.49 -6.53
CA VAL A 248 -5.91 -13.23 -5.11
C VAL A 248 -6.56 -11.90 -4.82
N VAL A 249 -7.36 -11.83 -3.75
CA VAL A 249 -7.94 -10.57 -3.32
C VAL A 249 -7.02 -9.90 -2.29
N ASP A 250 -6.72 -8.63 -2.53
CA ASP A 250 -5.89 -7.85 -1.63
C ASP A 250 -6.81 -6.98 -0.78
N HIS A 251 -6.86 -7.26 0.52
CA HIS A 251 -7.61 -6.43 1.46
C HIS A 251 -6.67 -5.51 2.20
N HIS A 252 -7.08 -4.25 2.37
CA HIS A 252 -6.32 -3.33 3.20
C HIS A 252 -7.10 -3.05 4.47
N HIS A 253 -6.39 -2.86 5.56
CA HIS A 253 -7.03 -2.72 6.86
C HIS A 253 -6.36 -1.70 7.74
N TYR A 254 -7.14 -0.71 8.18
CA TYR A 254 -6.69 0.24 9.19
C TYR A 254 -7.84 0.57 10.11
N GLN A 255 -7.51 1.21 11.22
CA GLN A 255 -8.53 1.69 12.15
C GLN A 255 -8.26 3.12 12.55
N VAL A 256 -7.90 3.95 11.59
CA VAL A 256 -7.49 5.31 11.91
C VAL A 256 -8.09 6.39 11.02
N PHE A 257 -8.88 6.02 10.01
CA PHE A 257 -9.32 7.03 9.02
C PHE A 257 -10.74 7.54 9.20
N SER A 258 -11.28 7.34 10.40
CA SER A 258 -12.52 7.99 10.81
C SER A 258 -12.44 8.20 12.32
N GLY A 259 -13.19 9.20 12.81
CA GLY A 259 -13.27 9.43 14.24
C GLY A 259 -13.77 8.22 15.00
N GLY A 260 -14.79 7.54 14.47
CA GLY A 260 -15.33 6.37 15.11
C GLY A 260 -14.32 5.27 15.34
N GLU A 261 -13.47 5.05 14.35
CA GLU A 261 -12.44 4.03 14.48
C GLU A 261 -11.38 4.46 15.47
N LEU A 262 -11.02 5.74 15.42
CA LEU A 262 -9.99 6.28 16.30
C LEU A 262 -10.43 6.27 17.75
N SER A 263 -11.74 6.27 17.96
CA SER A 263 -12.34 6.36 19.30
CA SER A 263 -12.29 6.37 19.31
C SER A 263 -12.27 5.04 20.07
N ARG A 264 -11.97 3.96 19.38
CA ARG A 264 -11.99 2.64 20.01
C ARG A 264 -10.92 2.48 21.07
N ASN A 265 -11.27 1.80 22.16
CA ASN A 265 -10.27 1.41 23.13
C ASN A 265 -9.43 0.27 22.56
N ILE A 266 -8.31 -0.04 23.20
CA ILE A 266 -7.40 -1.01 22.62
C ILE A 266 -8.03 -2.40 22.48
N ASN A 267 -8.82 -2.81 23.46
CA ASN A 267 -9.46 -4.12 23.40
C ASN A 267 -10.36 -4.19 22.17
N ASP A 268 -11.09 -3.11 21.90
CA ASP A 268 -11.97 -3.07 20.74
C ASP A 268 -11.18 -3.01 19.43
N HIS A 269 -10.07 -2.28 19.42
CA HIS A 269 -9.18 -2.31 18.26
C HIS A 269 -8.72 -3.74 17.95
N ILE A 270 -8.38 -4.48 19.00
CA ILE A 270 -7.95 -5.87 18.86
C ILE A 270 -9.11 -6.74 18.38
N SER A 271 -10.31 -6.52 18.91
CA SER A 271 -11.47 -7.29 18.48
C SER A 271 -11.75 -7.07 16.99
N VAL A 272 -11.61 -5.84 16.53
CA VAL A 272 -11.81 -5.55 15.11
C VAL A 272 -10.77 -6.28 14.27
N ALA A 273 -9.52 -6.25 14.72
CA ALA A 273 -8.45 -6.92 13.98
C ALA A 273 -8.70 -8.43 13.89
N CYS A 274 -9.10 -9.04 15.00
CA CYS A 274 -9.40 -10.47 15.03
C CYS A 274 -10.52 -10.78 14.06
N ASN A 275 -11.54 -9.93 14.03
CA ASN A 275 -12.65 -10.19 13.14
C ASN A 275 -12.29 -10.04 11.66
N TRP A 276 -11.29 -9.22 11.35
CA TRP A 276 -10.77 -9.20 9.98
C TRP A 276 -10.33 -10.61 9.60
N GLY A 277 -9.71 -11.32 10.54
CA GLY A 277 -9.26 -12.69 10.29
C GLY A 277 -10.42 -13.64 10.09
N TRP A 278 -11.40 -13.57 10.97
CA TRP A 278 -12.57 -14.44 10.86
C TRP A 278 -13.29 -14.23 9.55
N ASP A 279 -13.42 -12.98 9.13
CA ASP A 279 -14.17 -12.69 7.92
C ASP A 279 -13.39 -13.15 6.69
N ALA A 280 -12.08 -12.87 6.68
CA ALA A 280 -11.25 -13.26 5.54
C ALA A 280 -11.28 -14.77 5.33
N LYS A 281 -11.34 -15.51 6.43
CA LYS A 281 -11.31 -16.97 6.37
C LYS A 281 -12.53 -17.54 5.64
N LYS A 282 -13.63 -16.80 5.66
CA LYS A 282 -14.86 -17.25 5.03
C LYS A 282 -14.86 -17.06 3.51
N GLU A 283 -13.94 -16.25 2.99
CA GLU A 283 -13.96 -15.90 1.57
C GLU A 283 -13.50 -17.03 0.67
N SER A 284 -13.89 -16.96 -0.60
CA SER A 284 -13.58 -18.03 -1.54
C SER A 284 -12.22 -17.90 -2.22
N HIS A 285 -11.77 -16.68 -2.49
CA HIS A 285 -10.45 -16.51 -3.10
C HIS A 285 -9.36 -16.51 -2.06
N TRP A 286 -8.18 -16.95 -2.46
CA TRP A 286 -6.96 -16.64 -1.73
C TRP A 286 -6.98 -15.15 -1.47
N ASN A 287 -6.52 -14.74 -0.29
CA ASN A 287 -6.50 -13.32 0.02
C ASN A 287 -5.34 -12.97 0.92
N VAL A 288 -4.83 -11.75 0.75
CA VAL A 288 -3.66 -11.27 1.48
C VAL A 288 -3.95 -9.86 1.96
N ALA A 289 -3.53 -9.54 3.18
CA ALA A 289 -3.67 -8.18 3.69
C ALA A 289 -2.50 -7.34 3.16
N GLY A 290 -2.69 -6.72 2.00
CA GLY A 290 -1.57 -6.11 1.32
C GLY A 290 -1.17 -4.74 1.83
N SER A 291 -1.95 -4.20 2.77
CA SER A 291 -1.61 -2.93 3.39
C SER A 291 -2.32 -2.81 4.73
N TRP A 292 -1.55 -2.49 5.77
CA TRP A 292 -2.01 -2.35 7.13
C TRP A 292 -0.85 -1.73 7.87
N SER A 293 -1.08 -1.23 9.08
CA SER A 293 0.08 -0.71 9.83
C SER A 293 -0.14 -0.88 11.32
N ALA A 294 0.75 -0.29 12.10
CA ALA A 294 0.63 -0.32 13.55
C ALA A 294 -0.15 0.87 14.07
N ALA A 295 -0.59 1.74 13.16
CA ALA A 295 -1.16 3.02 13.59
C ALA A 295 -2.47 2.85 14.32
N LEU A 296 -2.55 3.47 15.50
CA LEU A 296 -3.80 3.57 16.25
C LEU A 296 -4.24 5.03 16.30
N THR A 297 -3.51 5.89 15.59
CA THR A 297 -3.87 7.29 15.45
C THR A 297 -3.60 7.69 14.02
N ASP A 298 -4.15 8.84 13.60
CA ASP A 298 -3.79 9.41 12.31
C ASP A 298 -2.90 10.62 12.52
N CYS A 299 -2.03 10.52 13.53
CA CYS A 299 -1.17 11.63 13.95
C CYS A 299 0.03 11.93 13.08
N ALA A 300 0.49 10.97 12.27
CA ALA A 300 1.69 11.21 11.47
C ALA A 300 1.45 12.45 10.62
N LYS A 301 2.42 13.38 10.61
CA LYS A 301 2.23 14.61 9.88
C LYS A 301 1.85 14.33 8.43
N TRP A 302 0.76 14.94 7.98
CA TRP A 302 0.28 14.83 6.59
C TRP A 302 -0.23 13.45 6.20
N LEU A 303 -0.53 12.59 7.17
CA LEU A 303 -1.07 11.27 6.85
C LEU A 303 -2.34 11.41 6.02
N ASN A 304 -3.18 12.38 6.39
CA ASN A 304 -4.42 12.62 5.67
C ASN A 304 -4.23 13.49 4.45
N GLY A 305 -3.02 14.01 4.30
CA GLY A 305 -2.67 14.85 3.17
C GLY A 305 -1.96 16.10 3.64
N VAL A 306 -1.17 16.69 2.74
CA VAL A 306 -0.54 17.98 2.98
C VAL A 306 -1.59 19.01 3.39
N ASN A 307 -1.25 19.83 4.39
CA ASN A 307 -2.12 20.92 4.88
C ASN A 307 -3.43 20.42 5.48
N ARG A 308 -3.38 19.19 6.01
CA ARG A 308 -4.51 18.60 6.71
C ARG A 308 -4.01 18.05 8.03
N GLY A 309 -4.75 18.31 9.10
CA GLY A 309 -4.36 17.81 10.40
C GLY A 309 -4.86 16.42 10.68
N ALA A 310 -4.80 16.03 11.95
CA ALA A 310 -5.21 14.70 12.37
C ALA A 310 -6.59 14.75 13.02
N ARG A 311 -7.45 13.80 12.64
CA ARG A 311 -8.73 13.66 13.33
C ARG A 311 -8.52 13.32 14.81
N TYR A 312 -7.42 12.63 15.11
CA TYR A 312 -7.18 12.17 16.47
C TYR A 312 -7.16 13.34 17.45
N GLU A 313 -6.62 14.47 17.01
CA GLU A 313 -6.59 15.64 17.90
C GLU A 313 -7.62 16.70 17.49
N GLY A 314 -8.65 16.28 16.78
CA GLY A 314 -9.73 17.19 16.40
C GLY A 314 -9.29 18.28 15.45
N ALA A 315 -8.40 17.92 14.52
CA ALA A 315 -7.77 18.92 13.66
C ALA A 315 -7.99 18.60 12.18
N TYR A 316 -9.04 17.82 11.89
CA TYR A 316 -9.37 17.54 10.49
C TYR A 316 -10.80 17.10 10.32
N ASP A 317 -11.44 17.60 9.25
CA ASP A 317 -12.75 17.12 8.83
C ASP A 317 -13.79 17.27 9.93
N ASN A 318 -13.75 18.39 10.64
CA ASN A 318 -14.67 18.66 11.75
C ASN A 318 -14.71 17.55 12.82
N ALA A 319 -13.70 16.69 12.83
CA ALA A 319 -13.59 15.65 13.85
C ALA A 319 -13.31 16.29 15.21
N PRO A 320 -13.81 15.66 16.28
CA PRO A 320 -13.57 16.18 17.62
C PRO A 320 -12.26 15.67 18.17
N TYR A 321 -11.74 16.37 19.15
CA TYR A 321 -10.52 15.95 19.83
C TYR A 321 -10.68 14.62 20.54
N ILE A 322 -9.68 13.75 20.38
CA ILE A 322 -9.60 12.51 21.12
C ILE A 322 -8.35 12.51 22.02
N GLY A 323 -7.19 12.78 21.42
CA GLY A 323 -5.95 12.86 22.18
C GLY A 323 -4.95 13.72 21.44
N SER A 324 -3.88 14.11 22.11
CA SER A 324 -2.89 14.98 21.50
C SER A 324 -1.91 14.19 20.66
N CYS A 325 -1.54 14.72 19.49
CA CYS A 325 -0.66 14.02 18.57
C CYS A 325 0.81 14.24 18.84
N GLN A 326 1.17 15.44 19.29
CA GLN A 326 2.57 15.78 19.52
C GLN A 326 3.36 14.73 20.32
N PRO A 327 2.79 14.22 21.43
CA PRO A 327 3.55 13.25 22.23
C PRO A 327 3.68 11.88 21.56
N LEU A 328 2.98 11.70 20.44
CA LEU A 328 3.00 10.43 19.73
C LEU A 328 3.84 10.47 18.45
N LEU A 329 4.41 11.63 18.15
CA LEU A 329 5.17 11.79 16.91
C LEU A 329 6.52 11.08 16.96
N ASP A 330 7.08 10.99 18.16
CA ASP A 330 8.41 10.41 18.36
C ASP A 330 8.28 9.18 19.24
N ILE A 331 8.69 8.04 18.71
CA ILE A 331 8.52 6.78 19.39
C ILE A 331 9.33 6.70 20.69
N SER A 332 10.42 7.47 20.77
CA SER A 332 11.23 7.48 21.99
C SER A 332 10.42 8.06 23.15
N GLN A 333 9.39 8.82 22.81
CA GLN A 333 8.57 9.54 23.78
C GLN A 333 7.26 8.85 24.15
N TRP A 334 6.97 7.73 23.51
CA TRP A 334 5.70 7.07 23.74
C TRP A 334 5.58 6.60 25.18
N SER A 335 4.36 6.69 25.71
CA SER A 335 4.04 6.12 27.00
C SER A 335 4.16 4.60 26.92
N ASP A 336 4.34 3.96 28.06
CA ASP A 336 4.39 2.51 28.11
C ASP A 336 3.06 1.94 27.66
N GLU A 337 1.97 2.64 27.97
CA GLU A 337 0.64 2.23 27.51
C GLU A 337 0.57 2.19 25.98
N HIS A 338 1.08 3.21 25.31
CA HIS A 338 1.00 3.21 23.85
C HIS A 338 1.92 2.17 23.23
N LYS A 339 3.08 1.93 23.85
CA LYS A 339 3.96 0.88 23.36
C LYS A 339 3.28 -0.47 23.49
N THR A 340 2.66 -0.71 24.65
CA THR A 340 1.95 -1.96 24.88
C THR A 340 0.79 -2.13 23.90
N ASP A 341 -0.02 -1.09 23.75
CA ASP A 341 -1.16 -1.12 22.83
C ASP A 341 -0.67 -1.46 21.43
N THR A 342 0.46 -0.86 21.05
CA THR A 342 1.01 -1.08 19.72
C THR A 342 1.44 -2.52 19.51
N ARG A 343 2.16 -3.09 20.47
CA ARG A 343 2.61 -4.47 20.36
C ARG A 343 1.42 -5.41 20.28
N ARG A 344 0.41 -5.19 21.14
CA ARG A 344 -0.81 -6.01 21.10
C ARG A 344 -1.50 -5.92 19.75
N TYR A 345 -1.57 -4.71 19.21
CA TYR A 345 -2.29 -4.48 17.96
C TYR A 345 -1.57 -5.12 16.79
N ILE A 346 -0.25 -5.01 16.77
CA ILE A 346 0.52 -5.64 15.70
C ILE A 346 0.35 -7.16 15.77
N GLU A 347 0.43 -7.72 16.99
CA GLU A 347 0.33 -9.17 17.12
C GLU A 347 -1.05 -9.69 16.73
N ALA A 348 -2.10 -8.97 17.12
CA ALA A 348 -3.45 -9.37 16.73
C ALA A 348 -3.61 -9.37 15.22
N GLN A 349 -3.09 -8.32 14.57
CA GLN A 349 -3.15 -8.24 13.12
C GLN A 349 -2.35 -9.36 12.45
N LEU A 350 -1.13 -9.60 12.93
CA LEU A 350 -0.35 -10.70 12.40
C LEU A 350 -1.12 -12.03 12.46
N ASP A 351 -1.74 -12.30 13.61
CA ASP A 351 -2.46 -13.56 13.77
C ASP A 351 -3.62 -13.61 12.80
N ALA A 352 -4.34 -12.50 12.70
CA ALA A 352 -5.50 -12.40 11.83
C ALA A 352 -5.09 -12.66 10.38
N PHE A 353 -4.03 -12.00 9.95
CA PHE A 353 -3.66 -12.05 8.53
C PHE A 353 -2.99 -13.36 8.15
N GLU A 354 -2.25 -13.96 9.07
CA GLU A 354 -1.66 -15.26 8.78
C GLU A 354 -2.73 -16.36 8.80
N TYR A 355 -3.92 -16.03 9.29
CA TYR A 355 -5.04 -16.97 9.29
C TYR A 355 -5.47 -17.27 7.85
N THR A 356 -5.22 -16.35 6.94
CA THR A 356 -5.36 -16.67 5.51
C THR A 356 -4.02 -16.54 4.77
N GLY A 357 -3.92 -15.65 3.79
CA GLY A 357 -2.75 -15.63 2.92
C GLY A 357 -1.52 -14.91 3.43
N GLY A 358 -1.64 -14.21 4.55
CA GLY A 358 -0.51 -13.45 5.05
C GLY A 358 -0.70 -11.95 4.93
N TRP A 359 0.41 -11.21 4.99
CA TRP A 359 0.34 -9.79 5.28
C TRP A 359 1.50 -9.01 4.70
N VAL A 360 1.25 -7.75 4.40
CA VAL A 360 2.26 -6.89 3.80
C VAL A 360 2.15 -5.54 4.49
N PHE A 361 3.05 -5.30 5.44
CA PHE A 361 2.98 -4.12 6.26
C PHE A 361 3.24 -2.85 5.44
N TRP A 362 2.43 -1.82 5.69
CA TRP A 362 2.70 -0.51 5.13
C TRP A 362 3.35 0.37 6.19
N SER A 363 4.65 0.65 6.08
CA SER A 363 5.52 0.28 4.96
C SER A 363 6.91 -0.08 5.53
N TRP A 364 7.85 -0.43 4.67
CA TRP A 364 9.17 -0.80 5.12
C TRP A 364 9.80 0.32 5.96
N LYS A 365 9.68 1.53 5.46
CA LYS A 365 10.34 2.66 6.09
C LYS A 365 9.61 3.97 5.85
N THR A 366 9.82 4.90 6.77
CA THR A 366 9.40 6.28 6.60
C THR A 366 10.51 7.14 7.17
N GLU A 367 10.51 8.41 6.83
CA GLU A 367 11.52 9.29 7.39
C GLU A 367 11.39 9.43 8.90
N ASN A 368 10.17 9.61 9.38
CA ASN A 368 9.98 9.90 10.80
CA ASN A 368 9.96 9.99 10.77
C ASN A 368 8.56 9.64 11.29
N ALA A 369 7.89 8.70 10.65
CA ALA A 369 6.54 8.31 11.05
C ALA A 369 6.60 6.88 11.54
N PRO A 370 6.78 6.70 12.85
CA PRO A 370 7.08 5.38 13.41
C PRO A 370 5.93 4.37 13.31
N GLU A 371 4.68 4.83 13.31
CA GLU A 371 3.55 3.91 13.24
C GLU A 371 3.50 3.20 11.89
N TRP A 372 4.24 3.74 10.93
CA TRP A 372 4.16 3.34 9.54
C TRP A 372 5.48 2.78 9.02
N SER A 373 6.38 2.45 9.94
CA SER A 373 7.72 1.96 9.57
C SER A 373 8.02 0.62 10.23
N PHE A 374 8.14 -0.42 9.41
CA PHE A 374 8.51 -1.74 9.88
C PHE A 374 9.88 -1.69 10.55
N GLN A 375 10.81 -0.94 9.96
CA GLN A 375 12.14 -0.78 10.55
C GLN A 375 12.06 -0.21 11.96
N THR A 376 11.40 0.93 12.09
CA THR A 376 11.38 1.62 13.37
C THR A 376 10.67 0.79 14.43
N LEU A 377 9.53 0.20 14.07
CA LEU A 377 8.80 -0.61 15.04
C LEU A 377 9.62 -1.83 15.47
N THR A 378 10.33 -2.43 14.53
CA THR A 378 11.17 -3.59 14.85
C THR A 378 12.30 -3.19 15.78
N TYR A 379 12.96 -2.08 15.46
CA TYR A 379 14.13 -1.65 16.23
C TYR A 379 13.75 -1.21 17.63
N ASN A 380 12.48 -0.84 17.81
CA ASN A 380 11.96 -0.44 19.11
C ASN A 380 11.24 -1.56 19.85
N GLY A 381 11.32 -2.77 19.33
CA GLY A 381 10.79 -3.94 20.02
C GLY A 381 9.28 -4.06 19.97
N LEU A 382 8.65 -3.27 19.10
CA LEU A 382 7.18 -3.28 19.03
C LEU A 382 6.63 -4.19 17.93
N PHE A 383 7.38 -4.32 16.84
CA PHE A 383 7.05 -5.34 15.86
C PHE A 383 7.82 -6.59 16.25
N PRO A 384 7.11 -7.71 16.44
CA PRO A 384 7.78 -8.97 16.78
C PRO A 384 8.98 -9.28 15.89
N GLN A 385 10.09 -9.65 16.51
CA GLN A 385 11.26 -10.13 15.78
C GLN A 385 11.88 -11.27 16.59
N PRO A 386 11.83 -12.49 16.06
CA PRO A 386 11.21 -12.93 14.79
C PRO A 386 9.73 -12.62 14.76
N VAL A 387 9.15 -12.53 13.57
CA VAL A 387 7.78 -12.05 13.43
C VAL A 387 6.76 -13.03 13.99
N THR A 388 7.22 -14.21 14.40
CA THR A 388 6.39 -15.21 15.04
C THR A 388 6.33 -15.05 16.56
N ASP A 389 7.21 -14.21 17.10
CA ASP A 389 7.28 -13.94 18.53
CA ASP A 389 7.26 -13.94 18.54
C ASP A 389 5.96 -13.32 19.02
N ARG A 390 5.48 -13.77 20.18
CA ARG A 390 4.25 -13.21 20.75
C ARG A 390 4.39 -12.88 22.23
N GLN A 391 4.26 -11.60 22.57
CA GLN A 391 4.18 -11.19 23.96
C GLN A 391 2.73 -11.21 24.42
N PHE A 392 1.82 -11.30 23.45
CA PHE A 392 0.39 -11.34 23.72
C PHE A 392 -0.24 -12.46 22.91
N PRO A 393 0.07 -13.71 23.27
CA PRO A 393 -0.35 -14.84 22.46
C PRO A 393 -1.87 -15.01 22.43
N ASN A 394 -2.36 -15.46 21.29
CA ASN A 394 -3.74 -15.90 21.15
C ASN A 394 -4.77 -14.86 21.60
N GLN A 395 -4.65 -13.65 21.09
CA GLN A 395 -5.65 -12.65 21.39
C GLN A 395 -6.96 -12.90 20.66
N CYS A 396 -6.91 -13.69 19.59
CA CYS A 396 -8.08 -13.87 18.72
C CYS A 396 -8.79 -15.21 18.87
N GLY A 397 -8.07 -16.25 19.29
CA GLY A 397 -8.69 -17.55 19.46
C GLY A 397 -9.12 -18.22 18.18
N PHE A 398 -8.28 -18.15 17.15
CA PHE A 398 -8.58 -18.76 15.85
C PHE A 398 -8.64 -20.29 15.90
N HIS A 399 -9.55 -20.86 15.11
CA HIS A 399 -9.82 -22.30 15.06
C HIS A 399 -9.24 -22.91 13.80
#